data_2QWY
#
_entry.id   2QWY
#
_cell.length_a   115.258
_cell.length_b   48.095
_cell.length_c   109.617
_cell.angle_alpha   90.00
_cell.angle_beta   108.25
_cell.angle_gamma   90.00
#
_symmetry.space_group_name_H-M   'C 1 2 1'
#
loop_
_entity.id
_entity.type
_entity.pdbx_description
1 polymer 'SAM-II riboswitch'
2 non-polymer 'PHOSPHATE ION'
3 non-polymer 'CESIUM ION'
4 non-polymer 'MAGNESIUM ION'
5 non-polymer S-ADENOSYLMETHIONINE
6 water water
#
_entity_poly.entity_id   1
_entity_poly.type   'polyribonucleotide'
_entity_poly.pdbx_seq_one_letter_code
;GCGCGGCGAUUUAACCGUAUUGCAGUCGCGUGAUAAAUGUAGCUAAAAAGGA
;
_entity_poly.pdbx_strand_id   A,B,C
#